data_2B2C
#
_entry.id   2B2C
#
_cell.length_a   59.990
_cell.length_b   99.230
_cell.length_c   67.850
_cell.angle_alpha   90.00
_cell.angle_beta   107.20
_cell.angle_gamma   90.00
#
_symmetry.space_group_name_H-M   'P 1 21 1'
#
loop_
_entity.id
_entity.type
_entity.pdbx_description
1 polymer 'spermidine synthase'
2 water water
#
_entity_poly.entity_id   1
_entity_poly.type   'polypeptide(L)'
_entity_poly.pdbx_seq_one_letter_code
;MNKLHKGWFTEFSPDDLEKMNGASDEEPTKVLKSDGQEMGGAWPGQAFSLQVKKVLFHEKSKYQDVLVFESTTYGNVLVL
DGIVQATERDEFSYQEMLAHLPMFAHPDPKRVLIIGGGDGGILREVLKHESVEKVTMCEIDEMVIDVAKKFLPGMSCGFS
HPKLDLFCGDGFEFLKNHKNEFDVIITDSSDPVGPAESLFGQSYYELLRDALKEDGILSSQGESVWLHLPLIAHLVAFNR
KIFPAVTYAQSIVSTYPSGSMGYLICAKNANRDVTTPARTLTAEQIKALNLRFYNSEVHKAAFVLPQFVKNALE
;
_entity_poly.pdbx_strand_id   A,B
#
# COMPACT_ATOMS: atom_id res chain seq x y z
N LYS A 3 -22.19 13.43 -8.39
CA LYS A 3 -20.70 13.56 -8.28
C LYS A 3 -19.98 13.26 -9.59
N LEU A 4 -20.75 12.79 -10.58
CA LEU A 4 -20.24 12.55 -11.93
C LEU A 4 -20.04 13.84 -12.73
N HIS A 5 -18.93 13.93 -13.45
CA HIS A 5 -18.54 15.12 -14.19
C HIS A 5 -18.36 14.79 -15.68
N LYS A 6 -17.15 15.03 -16.19
CA LYS A 6 -16.80 14.93 -17.62
C LYS A 6 -16.42 13.51 -18.03
N GLY A 7 -17.32 12.56 -17.80
CA GLY A 7 -17.03 11.14 -17.98
C GLY A 7 -16.12 10.61 -16.89
N TRP A 8 -16.02 11.35 -15.79
CA TRP A 8 -15.12 11.07 -14.67
C TRP A 8 -15.84 11.13 -13.31
N PHE A 9 -15.72 10.07 -12.51
CA PHE A 9 -16.18 10.09 -11.12
C PHE A 9 -15.03 10.42 -10.15
N THR A 10 -15.29 11.34 -9.22
CA THR A 10 -14.29 11.78 -8.26
C THR A 10 -14.72 11.57 -6.80
N GLU A 11 -13.97 10.70 -6.11
CA GLU A 11 -14.16 10.40 -4.69
C GLU A 11 -13.59 11.54 -3.83
N PHE A 12 -14.36 12.61 -3.69
CA PHE A 12 -13.99 13.73 -2.82
C PHE A 12 -14.14 13.36 -1.36
N SER A 13 -13.40 14.02 -0.49
CA SER A 13 -13.62 13.92 0.94
C SER A 13 -14.95 14.59 1.29
N PRO A 14 -15.76 13.97 2.20
CA PRO A 14 -17.05 14.50 2.68
C PRO A 14 -17.11 16.01 2.97
N ASP A 15 -16.02 16.60 3.46
CA ASP A 15 -15.90 18.06 3.57
C ASP A 15 -15.92 18.65 2.15
N ASP A 16 -17.14 18.95 1.70
CA ASP A 16 -17.46 19.14 0.29
C ASP A 16 -18.57 20.19 0.19
N LEU A 17 -18.26 21.40 0.64
CA LEU A 17 -19.21 22.50 0.61
C LEU A 17 -18.54 23.78 0.11
N GLY A 41 -12.05 11.32 10.34
CA GLY A 41 -12.62 10.24 9.52
C GLY A 41 -12.48 10.47 8.03
N ALA A 42 -12.02 11.67 7.66
CA ALA A 42 -11.96 12.13 6.26
C ALA A 42 -10.55 12.14 5.64
N TRP A 43 -10.47 12.54 4.36
CA TRP A 43 -9.20 12.72 3.66
C TRP A 43 -9.16 14.07 2.96
N PRO A 44 -9.14 15.18 3.73
CA PRO A 44 -9.23 16.50 3.10
C PRO A 44 -8.00 16.83 2.26
N GLY A 45 -8.24 17.47 1.11
CA GLY A 45 -7.15 18.01 0.31
C GLY A 45 -6.66 17.11 -0.80
N GLN A 46 -7.45 16.11 -1.14
CA GLN A 46 -7.07 15.11 -2.11
C GLN A 46 -8.34 14.44 -2.63
N ALA A 47 -8.22 13.73 -3.75
CA ALA A 47 -9.31 12.91 -4.24
C ALA A 47 -8.81 12.03 -5.37
N PHE A 48 -9.52 10.93 -5.57
CA PHE A 48 -9.15 9.88 -6.52
C PHE A 48 -10.27 9.72 -7.52
N SER A 49 -9.92 9.51 -8.79
CA SER A 49 -10.95 9.51 -9.83
C SER A 49 -10.90 8.32 -10.76
N LEU A 50 -12.08 7.84 -11.13
CA LEU A 50 -12.25 6.77 -12.08
C LEU A 50 -13.01 7.22 -13.33
N GLN A 51 -12.52 6.78 -14.48
CA GLN A 51 -13.14 7.13 -15.77
C GLN A 51 -14.34 6.23 -16.03
N VAL A 52 -15.46 6.86 -16.40
CA VAL A 52 -16.77 6.25 -16.53
C VAL A 52 -17.11 5.98 -17.99
N LYS A 53 -17.52 4.75 -18.29
CA LYS A 53 -18.05 4.40 -19.61
C LYS A 53 -19.54 4.78 -19.70
N LYS A 54 -20.32 4.32 -18.72
CA LYS A 54 -21.76 4.61 -18.63
C LYS A 54 -22.28 4.28 -17.22
N VAL A 55 -23.22 5.08 -16.74
CA VAL A 55 -23.90 4.78 -15.47
C VAL A 55 -24.77 3.55 -15.67
N LEU A 56 -24.94 2.74 -14.62
CA LEU A 56 -25.74 1.52 -14.73
C LEU A 56 -26.89 1.47 -13.74
N PHE A 57 -26.93 2.43 -12.82
CA PHE A 57 -27.86 2.45 -11.71
C PHE A 57 -27.56 3.69 -10.91
N HIS A 58 -28.58 4.29 -10.30
CA HIS A 58 -28.38 5.38 -9.38
C HIS A 58 -29.70 5.75 -8.73
N GLU A 59 -29.98 5.11 -7.59
CA GLU A 59 -31.14 5.44 -6.79
C GLU A 59 -30.77 5.83 -5.37
N LYS A 60 -31.74 6.42 -4.67
CA LYS A 60 -31.62 6.64 -3.24
C LYS A 60 -32.52 5.62 -2.53
N SER A 61 -31.92 4.79 -1.69
CA SER A 61 -32.68 3.92 -0.77
C SER A 61 -33.05 4.75 0.46
N LYS A 62 -33.68 4.14 1.46
CA LYS A 62 -34.03 4.90 2.65
C LYS A 62 -32.84 5.11 3.59
N TYR A 63 -31.64 4.79 3.10
CA TYR A 63 -30.40 4.94 3.90
C TYR A 63 -29.29 5.71 3.20
N GLN A 64 -28.98 5.34 1.96
CA GLN A 64 -27.83 5.92 1.26
C GLN A 64 -27.98 6.03 -0.25
N ASP A 65 -27.31 7.03 -0.82
CA ASP A 65 -27.18 7.17 -2.26
C ASP A 65 -26.38 6.01 -2.80
N VAL A 66 -27.00 5.22 -3.67
CA VAL A 66 -26.37 4.02 -4.20
C VAL A 66 -26.22 4.11 -5.70
N LEU A 67 -24.96 4.07 -6.14
CA LEU A 67 -24.57 4.29 -7.52
C LEU A 67 -23.65 3.19 -7.99
N VAL A 68 -23.95 2.59 -9.14
CA VAL A 68 -23.00 1.71 -9.79
C VAL A 68 -22.78 2.12 -11.22
N PHE A 69 -21.53 2.07 -11.69
CA PHE A 69 -21.21 2.34 -13.09
C PHE A 69 -20.15 1.41 -13.61
N GLU A 70 -20.23 1.11 -14.92
CA GLU A 70 -19.13 0.50 -15.64
C GLU A 70 -18.07 1.57 -15.90
N SER A 71 -16.85 1.29 -15.46
CA SER A 71 -15.72 2.17 -15.65
C SER A 71 -14.87 1.71 -16.84
N THR A 72 -14.08 2.64 -17.38
CA THR A 72 -13.23 2.33 -18.51
C THR A 72 -12.27 1.18 -18.21
N THR A 73 -11.58 1.22 -17.07
CA THR A 73 -10.51 0.27 -16.77
C THR A 73 -10.62 -0.55 -15.47
N TYR A 74 -11.62 -0.26 -14.63
CA TYR A 74 -11.78 -0.95 -13.33
C TYR A 74 -13.03 -1.83 -13.26
N GLY A 75 -13.72 -1.95 -14.40
CA GLY A 75 -14.95 -2.74 -14.50
C GLY A 75 -16.08 -2.01 -13.82
N ASN A 76 -17.08 -2.77 -13.37
CA ASN A 76 -18.19 -2.17 -12.64
C ASN A 76 -17.73 -1.77 -11.24
N VAL A 77 -18.08 -0.56 -10.83
CA VAL A 77 -17.73 -0.09 -9.49
C VAL A 77 -18.96 0.37 -8.71
N LEU A 78 -19.02 -0.03 -7.45
CA LEU A 78 -20.13 0.32 -6.57
C LEU A 78 -19.68 1.47 -5.69
N VAL A 79 -20.40 2.59 -5.74
CA VAL A 79 -20.14 3.70 -4.81
C VAL A 79 -21.35 4.00 -3.91
N LEU A 80 -21.11 4.12 -2.60
CA LEU A 80 -22.18 4.39 -1.65
C LEU A 80 -21.94 5.71 -0.97
N ASP A 81 -22.92 6.61 -1.10
CA ASP A 81 -22.80 7.97 -0.58
C ASP A 81 -21.54 8.68 -1.07
N GLY A 82 -21.17 8.41 -2.31
CA GLY A 82 -20.01 9.05 -2.91
C GLY A 82 -18.69 8.39 -2.55
N ILE A 83 -18.75 7.27 -1.85
CA ILE A 83 -17.54 6.52 -1.44
C ILE A 83 -17.45 5.21 -2.19
N VAL A 84 -16.37 5.00 -2.92
CA VAL A 84 -16.17 3.74 -3.62
C VAL A 84 -16.17 2.58 -2.60
N GLN A 85 -16.92 1.52 -2.90
CA GLN A 85 -17.02 0.36 -2.03
C GLN A 85 -16.36 -0.87 -2.64
N ALA A 86 -16.62 -1.13 -3.91
CA ALA A 86 -15.99 -2.28 -4.54
C ALA A 86 -15.77 -2.03 -6.01
N THR A 87 -14.85 -2.77 -6.58
CA THR A 87 -14.48 -2.61 -7.96
C THR A 87 -14.28 -4.00 -8.50
N GLU A 88 -14.54 -4.21 -9.78
CA GLU A 88 -14.40 -5.55 -10.35
C GLU A 88 -12.94 -5.88 -10.58
N ARG A 89 -12.14 -4.84 -10.79
CA ARG A 89 -10.70 -4.99 -10.94
C ARG A 89 -10.08 -5.46 -9.62
N ASP A 90 -10.51 -4.89 -8.52
CA ASP A 90 -10.07 -5.29 -7.20
C ASP A 90 -11.26 -5.80 -6.35
N GLU A 91 -11.50 -7.11 -6.45
CA GLU A 91 -12.64 -7.79 -5.80
C GLU A 91 -12.23 -8.61 -4.59
N PHE A 92 -10.97 -8.50 -4.16
CA PHE A 92 -10.40 -9.60 -3.41
C PHE A 92 -9.43 -9.22 -2.30
N SER A 93 -8.74 -8.10 -2.47
CA SER A 93 -7.58 -7.78 -1.65
C SER A 93 -7.96 -7.50 -0.21
N TYR A 94 -8.72 -6.45 0.03
CA TYR A 94 -9.23 -6.18 1.36
C TYR A 94 -10.20 -7.25 1.89
N GLN A 95 -11.05 -7.82 1.04
CA GLN A 95 -11.91 -8.89 1.53
C GLN A 95 -11.16 -10.15 1.98
N GLU A 96 -10.14 -10.57 1.21
CA GLU A 96 -9.35 -11.73 1.63
C GLU A 96 -8.70 -11.50 2.99
N MET A 97 -8.18 -10.30 3.22
CA MET A 97 -7.48 -9.94 4.46
C MET A 97 -8.44 -9.80 5.63
N LEU A 98 -9.50 -9.00 5.44
CA LEU A 98 -10.45 -8.74 6.52
C LEU A 98 -11.17 -10.01 7.03
N ALA A 99 -11.47 -10.94 6.11
CA ALA A 99 -12.13 -12.19 6.49
C ALA A 99 -11.13 -13.25 6.95
N HIS A 100 -10.02 -13.42 6.23
CA HIS A 100 -9.13 -14.55 6.45
C HIS A 100 -8.18 -14.43 7.60
N LEU A 101 -7.77 -13.20 7.93
CA LEU A 101 -7.09 -12.94 9.20
C LEU A 101 -7.76 -13.57 10.43
N PRO A 102 -9.00 -13.17 10.78
CA PRO A 102 -9.59 -13.80 11.96
C PRO A 102 -9.87 -15.28 11.73
N MET A 103 -10.38 -15.62 10.54
CA MET A 103 -10.75 -17.01 10.24
C MET A 103 -9.60 -18.01 10.46
N PHE A 104 -8.42 -17.74 9.91
CA PHE A 104 -7.33 -18.71 10.02
C PHE A 104 -6.58 -18.65 11.36
N ALA A 105 -6.74 -17.53 12.07
CA ALA A 105 -6.14 -17.34 13.39
C ALA A 105 -6.88 -18.15 14.47
N HIS A 106 -8.20 -18.22 14.35
CA HIS A 106 -9.07 -19.06 15.16
C HIS A 106 -8.89 -20.55 14.82
N PRO A 107 -8.91 -21.43 15.84
CA PRO A 107 -8.53 -22.81 15.58
C PRO A 107 -9.68 -23.68 15.04
N ASP A 108 -10.93 -23.28 15.27
CA ASP A 108 -12.08 -24.01 14.70
C ASP A 108 -13.32 -23.12 14.65
N PRO A 109 -13.29 -22.10 13.76
CA PRO A 109 -14.40 -21.15 13.70
C PRO A 109 -15.62 -21.81 13.09
N LYS A 110 -16.71 -21.89 13.86
CA LYS A 110 -17.96 -22.54 13.40
C LYS A 110 -19.12 -21.56 13.21
N ARG A 111 -19.12 -20.50 14.02
CA ARG A 111 -20.22 -19.57 14.07
C ARG A 111 -19.69 -18.17 13.85
N VAL A 112 -20.17 -17.55 12.77
CA VAL A 112 -19.58 -16.28 12.37
C VAL A 112 -20.65 -15.20 12.08
N LEU A 113 -20.30 -13.97 12.43
CA LEU A 113 -21.15 -12.82 12.24
C LEU A 113 -20.41 -11.77 11.40
N ILE A 114 -21.07 -11.27 10.37
CA ILE A 114 -20.53 -10.20 9.58
C ILE A 114 -21.44 -9.00 9.78
N ILE A 115 -20.88 -7.89 10.26
CA ILE A 115 -21.63 -6.62 10.31
C ILE A 115 -21.19 -5.74 9.15
N GLY A 116 -22.13 -5.29 8.33
CA GLY A 116 -21.87 -4.69 7.02
C GLY A 116 -22.04 -5.71 5.91
N GLY A 117 -21.14 -5.72 4.93
CA GLY A 117 -21.08 -6.80 3.93
C GLY A 117 -22.11 -6.83 2.81
N GLY A 118 -22.87 -5.74 2.64
CA GLY A 118 -23.89 -5.65 1.62
C GLY A 118 -23.46 -6.08 0.23
N ASP A 119 -22.20 -5.83 -0.10
CA ASP A 119 -21.67 -6.19 -1.42
C ASP A 119 -21.41 -7.67 -1.64
N GLY A 120 -21.25 -8.44 -0.56
CA GLY A 120 -21.05 -9.90 -0.67
C GLY A 120 -19.62 -10.45 -0.56
N GLY A 121 -18.61 -9.58 -0.68
CA GLY A 121 -17.21 -10.01 -0.70
C GLY A 121 -16.66 -10.73 0.51
N ILE A 122 -17.05 -10.28 1.71
CA ILE A 122 -16.60 -10.93 2.95
C ILE A 122 -17.28 -12.28 3.05
N LEU A 123 -18.57 -12.29 2.72
CA LEU A 123 -19.37 -13.52 2.76
C LEU A 123 -18.73 -14.61 1.89
N ARG A 124 -18.47 -14.27 0.62
CA ARG A 124 -17.76 -15.16 -0.30
C ARG A 124 -16.55 -15.83 0.33
N GLU A 125 -15.71 -15.03 1.01
CA GLU A 125 -14.46 -15.51 1.58
C GLU A 125 -14.66 -16.38 2.82
N VAL A 126 -15.64 -16.02 3.66
CA VAL A 126 -16.00 -16.78 4.83
C VAL A 126 -16.44 -18.19 4.43
N LEU A 127 -17.32 -18.29 3.43
CA LEU A 127 -17.85 -19.62 2.97
C LEU A 127 -16.78 -20.62 2.50
N LYS A 128 -15.53 -20.16 2.33
CA LYS A 128 -14.41 -21.04 1.94
C LYS A 128 -13.88 -21.91 3.10
N HIS A 129 -14.37 -21.63 4.29
CA HIS A 129 -13.90 -22.29 5.48
C HIS A 129 -14.94 -23.35 5.80
N GLU A 130 -14.52 -24.62 5.70
CA GLU A 130 -15.45 -25.75 5.76
C GLU A 130 -16.03 -25.88 7.16
N SER A 131 -15.21 -25.53 8.16
CA SER A 131 -15.57 -25.55 9.60
C SER A 131 -16.81 -24.72 9.97
N VAL A 132 -17.10 -23.67 9.21
CA VAL A 132 -18.29 -22.85 9.39
C VAL A 132 -19.55 -23.72 9.34
N GLU A 133 -20.38 -23.64 10.38
CA GLU A 133 -21.72 -24.24 10.34
C GLU A 133 -22.82 -23.24 9.94
N LYS A 134 -22.71 -22.02 10.42
CA LYS A 134 -23.73 -21.00 10.16
C LYS A 134 -23.08 -19.62 10.19
N VAL A 135 -23.49 -18.76 9.27
CA VAL A 135 -22.93 -17.42 9.17
C VAL A 135 -24.03 -16.39 9.00
N THR A 136 -24.08 -15.48 9.97
CA THR A 136 -25.11 -14.47 10.08
C THR A 136 -24.48 -13.17 9.62
N MET A 137 -25.27 -12.39 8.87
CA MET A 137 -24.84 -11.12 8.29
C MET A 137 -25.88 -10.05 8.56
N CYS A 138 -25.47 -8.93 9.14
CA CYS A 138 -26.36 -7.77 9.36
C CYS A 138 -26.14 -6.65 8.35
N GLU A 139 -27.07 -6.53 7.41
CA GLU A 139 -27.05 -5.48 6.41
C GLU A 139 -28.41 -4.77 6.48
N ILE A 140 -28.39 -3.47 6.76
CA ILE A 140 -29.63 -2.68 6.82
C ILE A 140 -30.22 -2.41 5.44
N ASP A 141 -29.37 -2.07 4.47
CA ASP A 141 -29.81 -1.62 3.14
C ASP A 141 -29.93 -2.74 2.13
N GLU A 142 -31.15 -3.29 2.00
CA GLU A 142 -31.42 -4.38 1.08
C GLU A 142 -31.13 -4.04 -0.39
N MET A 143 -31.14 -2.75 -0.72
CA MET A 143 -30.86 -2.30 -2.10
C MET A 143 -29.41 -2.56 -2.51
N VAL A 144 -28.49 -2.43 -1.55
CA VAL A 144 -27.08 -2.74 -1.77
C VAL A 144 -26.88 -4.22 -2.15
N ILE A 145 -27.61 -5.11 -1.48
CA ILE A 145 -27.52 -6.54 -1.78
C ILE A 145 -27.98 -6.85 -3.20
N ASP A 146 -29.04 -6.17 -3.65
CA ASP A 146 -29.67 -6.46 -4.94
C ASP A 146 -28.83 -5.99 -6.09
N VAL A 147 -28.39 -4.75 -5.96
CA VAL A 147 -27.39 -4.13 -6.81
C VAL A 147 -26.20 -5.06 -7.02
N ALA A 148 -25.60 -5.51 -5.91
CA ALA A 148 -24.47 -6.41 -5.91
C ALA A 148 -24.75 -7.74 -6.59
N LYS A 149 -25.95 -8.28 -6.36
CA LYS A 149 -26.43 -9.48 -7.04
C LYS A 149 -26.49 -9.28 -8.55
N LYS A 150 -27.05 -8.14 -8.97
CA LYS A 150 -27.25 -7.85 -10.39
C LYS A 150 -25.99 -7.40 -11.13
N PHE A 151 -25.24 -6.47 -10.54
CA PHE A 151 -24.11 -5.85 -11.25
C PHE A 151 -22.70 -6.33 -10.88
N LEU A 152 -22.58 -7.09 -9.81
CA LEU A 152 -21.26 -7.51 -9.34
C LEU A 152 -21.22 -8.98 -9.03
N PRO A 153 -21.22 -9.84 -10.05
CA PRO A 153 -21.10 -11.26 -9.71
C PRO A 153 -19.64 -11.55 -9.38
N GLY A 154 -19.36 -12.73 -8.82
CA GLY A 154 -18.01 -13.02 -8.34
C GLY A 154 -17.72 -12.31 -7.02
N MET A 155 -18.55 -11.31 -6.71
CA MET A 155 -18.58 -10.70 -5.38
C MET A 155 -19.76 -11.20 -4.55
N SER A 156 -20.81 -11.66 -5.22
CA SER A 156 -22.10 -11.93 -4.57
C SER A 156 -22.69 -13.31 -4.84
N CYS A 157 -21.82 -14.31 -5.06
CA CYS A 157 -22.26 -15.71 -5.25
C CYS A 157 -22.90 -16.33 -4.00
N GLY A 158 -22.35 -15.99 -2.83
CA GLY A 158 -22.75 -16.59 -1.57
C GLY A 158 -24.11 -16.24 -0.97
N PHE A 159 -24.87 -15.36 -1.62
CA PHE A 159 -26.14 -14.94 -1.08
C PHE A 159 -27.23 -16.02 -1.14
N SER A 160 -26.92 -17.15 -1.78
CA SER A 160 -27.86 -18.25 -1.90
C SER A 160 -27.45 -19.45 -1.08
N HIS A 161 -26.28 -19.36 -0.47
CA HIS A 161 -25.74 -20.46 0.34
C HIS A 161 -26.65 -20.79 1.52
N PRO A 162 -26.91 -22.09 1.75
CA PRO A 162 -27.74 -22.49 2.90
C PRO A 162 -27.14 -22.14 4.28
N LYS A 163 -25.84 -21.88 4.35
CA LYS A 163 -25.23 -21.48 5.62
C LYS A 163 -25.45 -20.00 5.97
N LEU A 164 -25.89 -19.21 5.01
CA LEU A 164 -26.12 -17.79 5.25
C LEU A 164 -27.47 -17.48 5.92
N ASP A 165 -27.41 -16.90 7.12
CA ASP A 165 -28.57 -16.41 7.83
C ASP A 165 -28.62 -14.86 7.74
N LEU A 166 -29.37 -14.31 6.79
CA LEU A 166 -29.44 -12.84 6.58
C LEU A 166 -30.41 -12.14 7.56
N PHE A 167 -30.02 -10.94 8.00
CA PHE A 167 -30.78 -10.17 8.98
C PHE A 167 -30.74 -8.68 8.67
N CYS A 168 -31.92 -8.06 8.56
CA CYS A 168 -32.02 -6.63 8.20
C CYS A 168 -32.53 -5.79 9.35
N GLY A 169 -32.40 -6.33 10.57
CA GLY A 169 -32.96 -5.65 11.73
C GLY A 169 -32.02 -4.61 12.33
N ASP A 170 -32.43 -4.04 13.46
CA ASP A 170 -31.59 -3.15 14.26
C ASP A 170 -30.47 -4.02 14.81
N GLY A 171 -29.24 -3.74 14.36
CA GLY A 171 -28.10 -4.62 14.62
C GLY A 171 -27.57 -4.52 16.02
N PHE A 172 -27.89 -3.43 16.70
CA PHE A 172 -27.41 -3.23 18.08
C PHE A 172 -28.17 -4.09 19.06
N GLU A 173 -29.50 -4.11 18.90
CA GLU A 173 -30.36 -4.98 19.70
C GLU A 173 -29.98 -6.46 19.50
N PHE A 174 -29.78 -6.84 18.24
CA PHE A 174 -29.29 -8.18 17.87
C PHE A 174 -28.11 -8.58 18.76
N LEU A 175 -27.09 -7.73 18.80
CA LEU A 175 -25.85 -8.00 19.52
C LEU A 175 -26.03 -8.05 21.04
N LYS A 176 -26.99 -7.27 21.54
CA LYS A 176 -27.40 -7.31 22.94
C LYS A 176 -27.99 -8.67 23.34
N ASN A 177 -28.72 -9.30 22.40
CA ASN A 177 -29.45 -10.57 22.64
C ASN A 177 -28.75 -11.85 22.17
N HIS A 178 -27.54 -11.70 21.62
CA HIS A 178 -26.81 -12.84 21.09
C HIS A 178 -25.42 -12.98 21.75
N LYS A 179 -25.37 -13.09 23.07
CA LYS A 179 -24.12 -13.19 23.80
C LYS A 179 -23.61 -14.60 23.72
N ASN A 180 -22.29 -14.77 23.69
CA ASN A 180 -21.64 -16.08 23.57
C ASN A 180 -22.07 -16.96 22.39
N GLU A 181 -22.46 -16.33 21.29
CA GLU A 181 -22.76 -17.11 20.10
C GLU A 181 -21.61 -17.30 19.09
N PHE A 182 -20.73 -16.30 18.97
CA PHE A 182 -19.86 -16.19 17.80
C PHE A 182 -18.39 -16.47 18.00
N ASP A 183 -17.85 -17.37 17.20
CA ASP A 183 -16.41 -17.62 17.17
C ASP A 183 -15.65 -16.49 16.48
N VAL A 184 -16.26 -15.88 15.46
CA VAL A 184 -15.64 -14.80 14.69
C VAL A 184 -16.68 -13.72 14.31
N ILE A 185 -16.39 -12.49 14.69
CA ILE A 185 -17.17 -11.34 14.22
C ILE A 185 -16.26 -10.52 13.34
N ILE A 186 -16.77 -10.19 12.15
CA ILE A 186 -16.11 -9.30 11.21
C ILE A 186 -17.02 -8.10 10.96
N THR A 187 -16.45 -6.89 10.94
CA THR A 187 -17.26 -5.70 10.61
C THR A 187 -16.66 -4.80 9.47
N ASP A 188 -17.42 -4.64 8.38
CA ASP A 188 -17.20 -3.58 7.37
C ASP A 188 -17.73 -2.25 7.89
N SER A 189 -16.82 -1.35 8.27
CA SER A 189 -17.22 -0.11 8.95
C SER A 189 -17.34 1.08 7.99
N SER A 203 -17.72 1.16 22.21
CA SER A 203 -18.40 0.44 23.29
C SER A 203 -19.64 -0.32 22.79
N TYR A 204 -19.96 -0.03 21.53
CA TYR A 204 -20.12 -1.00 20.50
C TYR A 204 -19.08 -2.16 20.67
N TYR A 205 -17.84 -1.88 21.06
CA TYR A 205 -16.82 -2.95 21.21
C TYR A 205 -16.98 -3.80 22.48
N GLU A 206 -17.81 -3.34 23.41
CA GLU A 206 -18.20 -4.15 24.56
C GLU A 206 -19.30 -5.10 24.12
N LEU A 207 -20.27 -4.57 23.38
CA LEU A 207 -21.23 -5.42 22.72
C LEU A 207 -20.54 -6.55 21.96
N LEU A 208 -19.59 -6.20 21.08
CA LEU A 208 -18.85 -7.20 20.33
C LEU A 208 -18.18 -8.23 21.24
N ARG A 209 -17.49 -7.76 22.28
CA ARG A 209 -16.82 -8.66 23.24
C ARG A 209 -17.80 -9.70 23.83
N ASP A 210 -18.99 -9.24 24.23
CA ASP A 210 -19.97 -10.14 24.87
C ASP A 210 -20.62 -11.10 23.87
N ALA A 211 -20.78 -10.62 22.63
CA ALA A 211 -21.30 -11.47 21.55
C ALA A 211 -20.36 -12.64 21.18
N LEU A 212 -19.07 -12.48 21.42
CA LEU A 212 -18.13 -13.55 21.12
C LEU A 212 -18.15 -14.61 22.18
N LYS A 213 -17.98 -15.86 21.75
CA LYS A 213 -17.63 -16.97 22.63
C LYS A 213 -16.28 -16.72 23.31
N GLU A 214 -15.76 -17.73 24.00
CA GLU A 214 -14.62 -17.58 24.91
C GLU A 214 -13.21 -17.54 24.26
N ASP A 215 -13.03 -18.21 23.12
CA ASP A 215 -11.79 -18.03 22.34
C ASP A 215 -12.06 -17.21 21.05
N GLY A 216 -13.08 -16.34 21.13
CA GLY A 216 -13.53 -15.52 20.01
C GLY A 216 -12.50 -14.51 19.54
N ILE A 217 -12.45 -14.33 18.23
CA ILE A 217 -11.62 -13.34 17.60
C ILE A 217 -12.52 -12.33 16.85
N LEU A 218 -12.09 -11.08 16.85
CA LEU A 218 -12.81 -9.98 16.20
C LEU A 218 -11.93 -9.32 15.13
N SER A 219 -12.54 -8.96 14.01
CA SER A 219 -11.84 -8.31 12.94
C SER A 219 -12.65 -7.11 12.51
N SER A 220 -12.02 -5.93 12.47
CA SER A 220 -12.71 -4.70 12.09
C SER A 220 -11.88 -3.94 11.11
N GLN A 221 -12.56 -3.40 10.08
CA GLN A 221 -12.01 -2.47 9.10
C GLN A 221 -11.35 -1.32 9.87
N GLY A 222 -10.08 -1.03 9.56
CA GLY A 222 -9.23 -0.26 10.48
C GLY A 222 -8.63 1.07 10.06
N GLU A 223 -9.31 1.76 9.14
CA GLU A 223 -8.86 3.07 8.59
C GLU A 223 -7.47 3.10 7.89
N SER A 224 -6.97 4.32 7.61
CA SER A 224 -5.72 4.57 6.89
C SER A 224 -4.58 5.09 7.80
N VAL A 225 -3.41 4.49 7.70
CA VAL A 225 -2.30 4.97 8.51
C VAL A 225 -1.76 6.27 7.92
N TRP A 226 -2.04 6.49 6.66
CA TRP A 226 -1.69 7.75 6.02
C TRP A 226 -2.55 8.92 6.47
N LEU A 227 -3.77 8.66 6.94
CA LEU A 227 -4.75 9.75 7.18
C LEU A 227 -5.37 9.88 8.56
N HIS A 228 -5.48 8.77 9.29
CA HIS A 228 -6.25 8.72 10.54
C HIS A 228 -5.43 8.07 11.66
N LEU A 229 -4.16 8.39 11.71
CA LEU A 229 -3.31 7.80 12.72
C LEU A 229 -3.72 8.14 14.17
N PRO A 230 -4.06 9.42 14.48
CA PRO A 230 -4.61 9.68 15.83
C PRO A 230 -5.91 8.91 16.15
N LEU A 231 -6.80 8.81 15.18
CA LEU A 231 -7.97 7.94 15.27
C LEU A 231 -7.63 6.44 15.49
N ILE A 232 -6.58 5.94 14.82
CA ILE A 232 -6.18 4.53 14.96
C ILE A 232 -5.60 4.32 16.34
N ALA A 233 -4.71 5.23 16.72
CA ALA A 233 -4.14 5.22 18.06
C ALA A 233 -5.24 5.20 19.15
N HIS A 234 -6.31 5.95 18.93
CA HIS A 234 -7.39 6.04 19.91
C HIS A 234 -8.10 4.69 20.04
N LEU A 235 -8.50 4.15 18.89
CA LEU A 235 -9.21 2.88 18.76
C LEU A 235 -8.43 1.70 19.36
N VAL A 236 -7.14 1.62 19.07
CA VAL A 236 -6.32 0.56 19.63
C VAL A 236 -6.28 0.67 21.16
N ALA A 237 -6.13 1.90 21.67
CA ALA A 237 -6.00 2.16 23.10
C ALA A 237 -7.22 1.70 23.89
N PHE A 238 -8.43 2.09 23.47
CA PHE A 238 -9.60 1.65 24.22
C PHE A 238 -9.90 0.13 24.15
N ASN A 239 -9.56 -0.51 23.04
CA ASN A 239 -9.71 -1.96 22.96
C ASN A 239 -8.73 -2.72 23.88
N ARG A 240 -7.61 -2.08 24.22
CA ARG A 240 -6.64 -2.69 25.12
C ARG A 240 -7.18 -2.68 26.53
N LYS A 241 -8.22 -1.85 26.75
CA LYS A 241 -9.00 -1.85 27.98
C LYS A 241 -9.96 -3.03 27.95
N ILE A 242 -10.52 -3.31 26.78
CA ILE A 242 -11.57 -4.32 26.64
C ILE A 242 -11.07 -5.74 26.37
N PHE A 243 -10.09 -5.91 25.48
CA PHE A 243 -9.58 -7.25 25.11
C PHE A 243 -8.15 -7.46 25.63
N PRO A 244 -7.83 -8.68 26.07
CA PRO A 244 -6.48 -8.99 26.54
C PRO A 244 -5.41 -8.99 25.43
N ALA A 245 -5.82 -9.06 24.17
CA ALA A 245 -4.87 -8.94 23.05
C ALA A 245 -5.47 -8.15 21.89
N VAL A 246 -4.83 -7.03 21.58
CA VAL A 246 -5.24 -6.14 20.50
C VAL A 246 -4.06 -5.81 19.60
N THR A 247 -4.14 -6.16 18.32
CA THR A 247 -3.04 -5.90 17.36
C THR A 247 -3.60 -5.21 16.12
N TYR A 248 -2.75 -4.47 15.42
CA TYR A 248 -3.18 -3.78 14.21
C TYR A 248 -2.29 -4.12 12.99
N ALA A 249 -2.83 -4.90 12.07
CA ALA A 249 -2.20 -5.20 10.78
C ALA A 249 -2.68 -4.24 9.65
N GLN A 250 -1.99 -4.18 8.51
CA GLN A 250 -2.43 -3.41 7.31
C GLN A 250 -1.99 -4.06 5.99
N SER A 251 -2.67 -3.72 4.88
CA SER A 251 -2.27 -4.19 3.53
C SER A 251 -2.59 -3.17 2.43
N ILE A 252 -1.95 -3.34 1.26
CA ILE A 252 -2.25 -2.49 0.12
C ILE A 252 -3.66 -2.79 -0.40
N VAL A 253 -4.35 -1.76 -0.86
CA VAL A 253 -5.69 -1.83 -1.43
C VAL A 253 -5.79 -0.63 -2.40
N SER A 254 -5.82 -0.87 -3.70
CA SER A 254 -5.64 0.22 -4.68
C SER A 254 -6.70 1.34 -4.64
N THR A 255 -7.96 0.97 -4.53
CA THR A 255 -9.06 1.92 -4.67
C THR A 255 -9.46 2.52 -3.33
N TYR A 256 -8.72 2.21 -2.28
CA TYR A 256 -8.96 2.83 -0.99
C TYR A 256 -8.21 4.17 -0.97
N PRO A 257 -8.78 5.20 -0.32
CA PRO A 257 -8.03 6.44 -0.16
C PRO A 257 -6.58 6.25 0.28
N SER A 258 -5.66 6.70 -0.58
CA SER A 258 -4.22 6.73 -0.28
C SER A 258 -3.59 5.35 -0.33
N GLY A 259 -4.42 4.36 -0.56
CA GLY A 259 -3.96 3.05 -0.97
C GLY A 259 -3.53 2.02 0.05
N SER A 260 -3.75 2.26 1.34
CA SER A 260 -3.72 1.10 2.27
C SER A 260 -4.84 1.10 3.32
N MET A 261 -5.57 0.00 3.42
CA MET A 261 -6.54 -0.19 4.47
C MET A 261 -5.86 -0.90 5.63
N GLY A 262 -6.27 -0.55 6.86
CA GLY A 262 -5.80 -1.21 8.07
C GLY A 262 -6.88 -2.15 8.56
N TYR A 263 -6.48 -2.99 9.53
CA TYR A 263 -7.34 -3.99 10.12
C TYR A 263 -7.04 -4.17 11.64
N LEU A 264 -8.09 -4.03 12.45
CA LEU A 264 -8.03 -4.10 13.91
C LEU A 264 -8.45 -5.50 14.20
N ILE A 265 -7.65 -6.20 15.02
CA ILE A 265 -7.87 -7.59 15.38
C ILE A 265 -7.68 -7.78 16.90
N CYS A 266 -8.76 -8.20 17.56
CA CYS A 266 -8.80 -8.35 19.01
C CYS A 266 -9.24 -9.76 19.31
N ALA A 267 -8.63 -10.35 20.34
CA ALA A 267 -8.92 -11.73 20.75
C ALA A 267 -9.34 -11.79 22.23
N LYS A 268 -10.29 -12.67 22.56
CA LYS A 268 -10.74 -12.79 23.95
C LYS A 268 -9.77 -13.56 24.84
N ASN A 269 -9.15 -14.60 24.28
CA ASN A 269 -8.14 -15.37 25.00
C ASN A 269 -6.76 -14.72 24.91
N ALA A 270 -6.18 -14.46 26.07
CA ALA A 270 -4.91 -13.74 26.18
C ALA A 270 -3.74 -14.52 25.58
N ASN A 271 -3.96 -15.79 25.27
CA ASN A 271 -2.91 -16.66 24.75
C ASN A 271 -2.97 -16.82 23.25
N ARG A 272 -4.05 -16.37 22.66
CA ARG A 272 -4.21 -16.34 21.20
C ARG A 272 -3.21 -15.32 20.66
N ASP A 273 -2.29 -15.79 19.81
CA ASP A 273 -1.44 -14.90 18.99
C ASP A 273 -2.10 -14.90 17.63
N VAL A 274 -2.84 -13.83 17.32
CA VAL A 274 -3.59 -13.72 16.07
C VAL A 274 -2.68 -13.50 14.88
N THR A 275 -1.39 -13.28 15.10
CA THR A 275 -0.45 -12.90 14.04
C THR A 275 0.30 -14.10 13.48
N THR A 276 0.04 -15.25 14.07
CA THR A 276 0.41 -16.50 13.43
C THR A 276 -0.87 -17.31 13.33
N PRO A 277 -1.28 -17.67 12.10
CA PRO A 277 -2.45 -18.52 11.86
C PRO A 277 -2.35 -19.86 12.58
N ALA A 278 -3.51 -20.41 12.96
CA ALA A 278 -3.63 -21.72 13.60
C ALA A 278 -2.90 -22.81 12.80
N ARG A 279 -3.36 -23.04 11.56
CA ARG A 279 -2.65 -23.94 10.62
C ARG A 279 -2.17 -23.19 9.38
N THR A 280 -1.11 -23.71 8.78
CA THR A 280 -0.39 -23.02 7.72
C THR A 280 -0.59 -23.64 6.30
N LEU A 281 -1.13 -22.83 5.38
CA LEU A 281 -1.51 -23.25 4.02
C LEU A 281 -0.37 -23.59 3.06
N THR A 282 -0.52 -24.70 2.34
CA THR A 282 0.47 -25.07 1.30
C THR A 282 0.10 -24.48 -0.04
N ALA A 283 1.05 -24.54 -0.97
CA ALA A 283 0.91 -24.00 -2.33
C ALA A 283 -0.39 -24.42 -3.04
N GLU A 284 -0.80 -25.68 -2.82
CA GLU A 284 -2.00 -26.27 -3.41
C GLU A 284 -3.29 -25.95 -2.65
N GLN A 285 -3.17 -25.77 -1.33
CA GLN A 285 -4.32 -25.40 -0.55
C GLN A 285 -4.76 -23.98 -0.92
N ILE A 286 -3.79 -23.15 -1.26
CA ILE A 286 -4.03 -21.79 -1.64
C ILE A 286 -4.80 -21.76 -2.96
N LYS A 287 -4.30 -22.49 -3.96
CA LYS A 287 -4.95 -22.55 -5.29
C LYS A 287 -6.34 -23.20 -5.24
N ALA A 288 -6.46 -24.24 -4.43
CA ALA A 288 -7.75 -24.85 -4.14
C ALA A 288 -8.74 -23.80 -3.67
N LEU A 289 -8.27 -22.85 -2.87
CA LEU A 289 -9.15 -21.88 -2.23
C LEU A 289 -9.41 -20.62 -3.06
N ASN A 290 -8.84 -20.58 -4.27
CA ASN A 290 -8.80 -19.39 -5.15
C ASN A 290 -8.45 -18.09 -4.41
N LEU A 291 -7.32 -18.14 -3.69
CA LEU A 291 -6.81 -16.95 -3.02
C LEU A 291 -5.87 -16.19 -3.94
N ARG A 292 -6.12 -14.89 -4.12
CA ARG A 292 -5.35 -14.08 -5.02
C ARG A 292 -4.42 -13.12 -4.25
N PHE A 293 -4.84 -12.75 -3.04
CA PHE A 293 -4.02 -11.86 -2.22
C PHE A 293 -3.37 -12.57 -1.00
N TYR A 294 -4.18 -13.35 -0.26
CA TYR A 294 -3.86 -13.79 1.11
C TYR A 294 -3.08 -15.10 1.17
N ASN A 295 -2.24 -15.26 2.17
CA ASN A 295 -1.61 -16.55 2.48
C ASN A 295 -0.91 -16.47 3.81
N SER A 296 -0.37 -17.61 4.29
CA SER A 296 0.15 -17.65 5.63
C SER A 296 1.24 -16.63 5.80
N GLU A 297 2.16 -16.57 4.83
CA GLU A 297 3.29 -15.66 4.96
C GLU A 297 2.79 -14.23 4.99
N VAL A 298 1.94 -13.87 4.02
CA VAL A 298 1.32 -12.56 3.96
C VAL A 298 0.58 -12.25 5.25
N HIS A 299 -0.21 -13.21 5.74
CA HIS A 299 -0.88 -13.14 7.07
C HIS A 299 0.03 -12.43 8.06
N LYS A 300 1.13 -13.12 8.38
CA LYS A 300 2.13 -12.72 9.36
C LYS A 300 2.76 -11.35 9.09
N ALA A 301 3.17 -11.11 7.85
CA ALA A 301 3.79 -9.84 7.49
C ALA A 301 2.88 -8.59 7.57
N ALA A 302 1.58 -8.76 7.39
CA ALA A 302 0.63 -7.64 7.47
C ALA A 302 0.67 -6.95 8.84
N PHE A 303 1.28 -7.62 9.84
CA PHE A 303 1.39 -7.05 11.16
C PHE A 303 2.74 -6.42 11.42
N VAL A 304 3.64 -6.50 10.44
CA VAL A 304 4.93 -5.85 10.61
C VAL A 304 4.68 -4.44 10.17
N LEU A 305 4.58 -3.54 11.12
CA LEU A 305 4.25 -2.16 10.86
C LEU A 305 5.50 -1.29 10.57
N PRO A 306 5.34 -0.29 9.66
CA PRO A 306 6.25 0.80 9.36
C PRO A 306 6.60 1.58 10.62
N GLN A 307 7.74 2.24 10.65
CA GLN A 307 8.16 2.87 11.88
C GLN A 307 7.13 3.84 12.43
N PHE A 308 6.66 4.78 11.58
CA PHE A 308 5.81 5.87 12.07
C PHE A 308 4.52 5.29 12.63
N VAL A 309 4.03 4.22 12.03
CA VAL A 309 2.88 3.49 12.62
C VAL A 309 3.21 2.77 13.93
N LYS A 310 4.40 2.21 14.02
CA LYS A 310 4.77 1.49 15.25
C LYS A 310 4.95 2.46 16.42
N ASN A 311 5.42 3.68 16.12
CA ASN A 311 5.64 4.67 17.16
C ASN A 311 4.33 5.00 17.85
N ALA A 312 3.37 5.47 17.03
CA ALA A 312 2.05 5.94 17.47
C ALA A 312 1.17 4.89 18.18
N LEU A 313 1.62 3.64 18.21
CA LEU A 313 0.87 2.57 18.89
C LEU A 313 1.66 1.99 20.07
N GLU A 314 1.97 2.83 21.04
CA GLU A 314 2.74 2.41 22.20
C GLU A 314 2.25 3.03 23.51
N LYS B 3 -1.73 21.73 -16.32
CA LYS B 3 -2.56 20.62 -15.75
C LYS B 3 -3.36 21.06 -14.52
N LEU B 4 -3.14 22.30 -14.09
CA LEU B 4 -3.90 22.91 -13.01
C LEU B 4 -5.29 23.36 -13.46
N HIS B 5 -6.29 23.09 -12.61
CA HIS B 5 -7.70 23.39 -12.90
C HIS B 5 -8.29 24.33 -11.84
N LYS B 6 -9.35 23.85 -11.18
CA LYS B 6 -10.15 24.64 -10.22
C LYS B 6 -9.55 24.64 -8.82
N GLY B 7 -8.30 25.08 -8.70
CA GLY B 7 -7.57 25.00 -7.43
C GLY B 7 -7.14 23.56 -7.15
N TRP B 8 -7.18 22.73 -8.18
CA TRP B 8 -6.90 21.30 -8.10
C TRP B 8 -5.90 20.84 -9.17
N PHE B 9 -4.83 20.17 -8.74
CA PHE B 9 -3.92 19.48 -9.66
C PHE B 9 -4.29 17.99 -9.81
N THR B 10 -4.35 17.51 -11.06
CA THR B 10 -4.72 16.13 -11.37
C THR B 10 -3.62 15.37 -12.13
N GLU B 11 -3.07 14.34 -11.47
CA GLU B 11 -2.07 13.47 -12.06
C GLU B 11 -2.73 12.48 -13.01
N PHE B 12 -3.00 12.92 -14.24
CA PHE B 12 -3.55 12.05 -15.28
C PHE B 12 -2.51 11.08 -15.80
N SER B 13 -2.95 9.96 -16.36
CA SER B 13 -2.06 9.08 -17.12
C SER B 13 -1.65 9.75 -18.44
N PRO B 14 -0.36 9.64 -18.83
CA PRO B 14 0.20 10.22 -20.08
C PRO B 14 -0.67 10.08 -21.33
N ASP B 15 -1.42 8.98 -21.47
CA ASP B 15 -2.46 8.84 -22.51
C ASP B 15 -3.55 9.89 -22.26
N ASP B 16 -3.32 11.08 -22.83
CA ASP B 16 -3.98 12.32 -22.43
C ASP B 16 -4.20 13.17 -23.68
N LEU B 17 -5.00 12.65 -24.61
CA LEU B 17 -5.28 13.34 -25.88
C LEU B 17 -6.76 13.26 -26.24
N GLY B 41 3.55 1.18 -19.13
CA GLY B 41 4.17 2.16 -18.22
C GLY B 41 3.19 3.10 -17.55
N ALA B 42 1.94 3.07 -18.02
CA ALA B 42 0.90 4.05 -17.63
C ALA B 42 -0.17 3.51 -16.66
N TRP B 43 -1.07 4.40 -16.21
CA TRP B 43 -2.22 4.02 -15.41
C TRP B 43 -3.52 4.52 -16.02
N PRO B 44 -3.92 3.99 -17.20
CA PRO B 44 -5.09 4.54 -17.89
C PRO B 44 -6.39 4.31 -17.11
N GLY B 45 -7.25 5.31 -17.10
CA GLY B 45 -8.59 5.14 -16.56
C GLY B 45 -8.79 5.57 -15.12
N GLN B 46 -7.83 6.34 -14.60
CA GLN B 46 -7.84 6.75 -13.22
C GLN B 46 -6.96 7.98 -13.13
N ALA B 47 -7.08 8.71 -12.01
CA ALA B 47 -6.16 9.80 -11.72
C ALA B 47 -6.34 10.24 -10.28
N PHE B 48 -5.26 10.81 -9.74
CA PHE B 48 -5.19 11.25 -8.34
C PHE B 48 -5.00 12.75 -8.26
N SER B 49 -5.63 13.40 -7.30
CA SER B 49 -5.64 14.87 -7.31
C SER B 49 -5.31 15.49 -5.97
N LEU B 50 -4.58 16.61 -6.04
CA LEU B 50 -4.19 17.39 -4.86
C LEU B 50 -4.67 18.83 -4.96
N GLN B 51 -5.20 19.31 -3.84
CA GLN B 51 -5.73 20.66 -3.75
C GLN B 51 -4.61 21.65 -3.57
N VAL B 52 -4.64 22.69 -4.40
CA VAL B 52 -3.58 23.68 -4.53
C VAL B 52 -3.92 24.97 -3.79
N LYS B 53 -2.99 25.42 -2.96
CA LYS B 53 -3.12 26.72 -2.31
C LYS B 53 -2.66 27.83 -3.27
N LYS B 54 -1.44 27.68 -3.80
CA LYS B 54 -0.84 28.62 -4.76
C LYS B 54 0.34 27.97 -5.47
N VAL B 55 0.53 28.30 -6.74
CA VAL B 55 1.71 27.85 -7.49
C VAL B 55 2.94 28.57 -6.95
N LEU B 56 4.09 27.90 -6.97
CA LEU B 56 5.31 28.49 -6.42
C LEU B 56 6.45 28.59 -7.44
N PHE B 57 6.24 27.98 -8.60
CA PHE B 57 7.26 27.84 -9.62
C PHE B 57 6.61 27.09 -10.77
N HIS B 58 7.02 27.38 -12.00
CA HIS B 58 6.60 26.59 -13.14
C HIS B 58 7.34 27.04 -14.38
N GLU B 59 8.47 26.38 -14.66
CA GLU B 59 9.26 26.63 -15.86
C GLU B 59 9.52 25.36 -16.64
N LYS B 60 9.96 25.53 -17.87
CA LYS B 60 10.45 24.43 -18.68
C LYS B 60 11.97 24.53 -18.75
N SER B 61 12.66 23.49 -18.27
CA SER B 61 14.11 23.36 -18.45
C SER B 61 14.33 22.76 -19.84
N LYS B 62 15.58 22.45 -20.18
CA LYS B 62 15.81 21.83 -21.49
C LYS B 62 15.46 20.35 -21.53
N TYR B 63 14.82 19.86 -20.47
CA TYR B 63 14.47 18.43 -20.36
C TYR B 63 13.01 18.18 -20.02
N GLN B 64 12.49 18.84 -19.00
CA GLN B 64 11.14 18.56 -18.50
C GLN B 64 10.39 19.75 -17.91
N ASP B 65 9.07 19.70 -18.03
CA ASP B 65 8.21 20.67 -17.38
C ASP B 65 8.37 20.49 -15.87
N VAL B 66 8.78 21.55 -15.18
CA VAL B 66 9.02 21.46 -13.75
C VAL B 66 8.15 22.43 -12.99
N LEU B 67 7.35 21.87 -12.09
CA LEU B 67 6.28 22.58 -11.38
C LEU B 67 6.34 22.25 -9.90
N VAL B 68 6.35 23.28 -9.06
CA VAL B 68 6.15 23.04 -7.62
C VAL B 68 5.06 23.96 -7.10
N PHE B 69 4.19 23.43 -6.25
CA PHE B 69 3.16 24.22 -5.58
C PHE B 69 3.00 23.84 -4.12
N GLU B 70 2.65 24.81 -3.29
CA GLU B 70 2.12 24.55 -1.96
C GLU B 70 0.68 24.05 -2.07
N SER B 71 0.45 22.86 -1.50
CA SER B 71 -0.87 22.22 -1.50
C SER B 71 -1.58 22.46 -0.17
N THR B 72 -2.90 22.28 -0.18
CA THR B 72 -3.68 22.53 1.01
C THR B 72 -3.24 21.65 2.15
N THR B 73 -3.05 20.35 1.89
CA THR B 73 -2.82 19.38 2.97
C THR B 73 -1.56 18.49 2.86
N TYR B 74 -0.81 18.59 1.76
CA TYR B 74 0.37 17.75 1.54
C TYR B 74 1.68 18.55 1.52
N GLY B 75 1.57 19.85 1.81
CA GLY B 75 2.72 20.73 1.83
C GLY B 75 3.15 21.05 0.41
N ASN B 76 4.41 21.44 0.24
CA ASN B 76 4.94 21.70 -1.11
C ASN B 76 5.09 20.37 -1.86
N VAL B 77 4.61 20.32 -3.10
CA VAL B 77 4.78 19.13 -3.91
C VAL B 77 5.47 19.44 -5.23
N LEU B 78 6.38 18.55 -5.61
CA LEU B 78 7.15 18.69 -6.84
C LEU B 78 6.58 17.77 -7.91
N VAL B 79 6.14 18.35 -9.03
CA VAL B 79 5.67 17.53 -10.13
C VAL B 79 6.54 17.73 -11.38
N LEU B 80 6.98 16.64 -12.00
CA LEU B 80 7.82 16.72 -13.19
C LEU B 80 7.08 16.10 -14.35
N ASP B 81 6.93 16.88 -15.42
CA ASP B 81 6.17 16.44 -16.60
C ASP B 81 4.77 15.95 -16.25
N GLY B 82 4.17 16.55 -15.24
CA GLY B 82 2.82 16.20 -14.84
C GLY B 82 2.76 15.00 -13.92
N ILE B 83 3.92 14.50 -13.50
CA ILE B 83 4.00 13.36 -12.56
C ILE B 83 4.52 13.81 -11.21
N VAL B 84 3.73 13.61 -10.17
CA VAL B 84 4.17 13.92 -8.81
C VAL B 84 5.45 13.17 -8.50
N GLN B 85 6.42 13.88 -7.94
CA GLN B 85 7.71 13.30 -7.58
C GLN B 85 7.94 13.25 -6.09
N ALA B 86 7.59 14.31 -5.38
CA ALA B 86 7.79 14.33 -3.94
C ALA B 86 6.77 15.24 -3.32
N THR B 87 6.53 15.03 -2.04
CA THR B 87 5.55 15.76 -1.28
C THR B 87 6.17 15.98 0.09
N GLU B 88 5.80 17.07 0.76
CA GLU B 88 6.38 17.34 2.07
C GLU B 88 5.74 16.49 3.15
N ARG B 89 4.48 16.14 2.91
CA ARG B 89 3.76 15.20 3.76
C ARG B 89 4.42 13.82 3.76
N ASP B 90 4.79 13.34 2.57
CA ASP B 90 5.47 12.07 2.41
C ASP B 90 6.86 12.28 1.78
N GLU B 91 7.85 12.47 2.65
CA GLU B 91 9.24 12.79 2.26
C GLU B 91 10.19 11.62 2.44
N PHE B 92 9.67 10.45 2.78
CA PHE B 92 10.50 9.49 3.49
C PHE B 92 10.27 8.02 3.15
N SER B 93 9.02 7.69 2.82
CA SER B 93 8.61 6.28 2.74
C SER B 93 9.35 5.55 1.62
N TYR B 94 9.13 5.94 0.37
CA TYR B 94 9.83 5.32 -0.74
C TYR B 94 11.34 5.56 -0.72
N GLN B 95 11.75 6.77 -0.33
CA GLN B 95 13.17 7.10 -0.16
C GLN B 95 13.86 6.14 0.83
N GLU B 96 13.24 5.92 1.99
CA GLU B 96 13.85 5.07 3.03
C GLU B 96 14.05 3.65 2.53
N MET B 97 13.03 3.10 1.85
CA MET B 97 13.06 1.76 1.29
C MET B 97 14.03 1.61 0.12
N LEU B 98 13.95 2.49 -0.87
CA LEU B 98 14.78 2.37 -2.07
C LEU B 98 16.27 2.48 -1.75
N ALA B 99 16.62 3.35 -0.80
CA ALA B 99 18.00 3.52 -0.39
C ALA B 99 18.47 2.49 0.63
N HIS B 100 17.66 2.18 1.64
CA HIS B 100 18.12 1.37 2.80
C HIS B 100 18.10 -0.11 2.61
N LEU B 101 17.19 -0.59 1.76
CA LEU B 101 17.25 -1.96 1.29
C LEU B 101 18.64 -2.40 0.80
N PRO B 102 19.17 -1.80 -0.29
CA PRO B 102 20.49 -2.23 -0.69
C PRO B 102 21.55 -1.86 0.36
N MET B 103 21.47 -0.64 0.90
CA MET B 103 22.49 -0.23 1.89
C MET B 103 22.72 -1.22 3.08
N PHE B 104 21.65 -1.64 3.76
CA PHE B 104 21.80 -2.52 4.93
C PHE B 104 22.00 -4.00 4.57
N ALA B 105 21.58 -4.37 3.36
CA ALA B 105 21.83 -5.70 2.82
C ALA B 105 23.33 -5.97 2.51
N HIS B 106 23.99 -4.96 1.96
CA HIS B 106 25.44 -4.95 1.77
C HIS B 106 26.21 -4.88 3.09
N PRO B 107 27.32 -5.64 3.21
CA PRO B 107 27.95 -5.73 4.53
C PRO B 107 28.94 -4.59 4.84
N ASP B 108 29.43 -3.88 3.83
CA ASP B 108 30.25 -2.68 4.04
C ASP B 108 30.23 -1.76 2.82
N PRO B 109 29.10 -1.10 2.57
CA PRO B 109 28.99 -0.28 1.34
C PRO B 109 29.78 0.99 1.49
N LYS B 110 30.83 1.16 0.70
CA LYS B 110 31.68 2.38 0.76
C LYS B 110 31.51 3.34 -0.42
N ARG B 111 31.18 2.78 -1.58
CA ARG B 111 31.15 3.54 -2.81
C ARG B 111 29.80 3.35 -3.44
N VAL B 112 29.06 4.44 -3.58
CA VAL B 112 27.69 4.33 -4.02
C VAL B 112 27.35 5.32 -5.14
N LEU B 113 26.45 4.89 -6.02
CA LEU B 113 26.03 5.65 -7.18
C LEU B 113 24.52 5.78 -7.17
N ILE B 114 24.02 7.00 -7.39
CA ILE B 114 22.60 7.19 -7.48
C ILE B 114 22.32 7.71 -8.86
N ILE B 115 21.51 6.97 -9.62
CA ILE B 115 21.04 7.47 -10.92
C ILE B 115 19.62 8.00 -10.75
N GLY B 116 19.38 9.24 -11.20
CA GLY B 116 18.19 10.04 -10.85
C GLY B 116 18.49 10.91 -9.62
N GLY B 117 17.54 11.02 -8.70
CA GLY B 117 17.78 11.65 -7.39
C GLY B 117 17.79 13.18 -7.30
N GLY B 118 17.33 13.84 -8.36
CA GLY B 118 17.30 15.30 -8.43
C GLY B 118 16.65 16.01 -7.27
N ASP B 119 15.68 15.37 -6.65
CA ASP B 119 15.01 15.93 -5.48
C ASP B 119 15.82 15.91 -4.18
N GLY B 120 16.83 15.04 -4.10
CA GLY B 120 17.67 14.94 -2.90
C GLY B 120 17.36 13.83 -1.90
N GLY B 121 16.15 13.27 -1.93
CA GLY B 121 15.70 12.30 -0.92
C GLY B 121 16.50 11.02 -0.72
N ILE B 122 16.99 10.44 -1.82
CA ILE B 122 17.79 9.22 -1.76
C ILE B 122 19.13 9.53 -1.16
N LEU B 123 19.69 10.67 -1.59
CA LEU B 123 20.99 11.15 -1.11
C LEU B 123 20.97 11.34 0.42
N ARG B 124 19.95 12.05 0.91
CA ARG B 124 19.76 12.24 2.35
C ARG B 124 19.89 10.93 3.13
N GLU B 125 19.25 9.87 2.64
CA GLU B 125 19.20 8.58 3.29
C GLU B 125 20.49 7.82 3.17
N VAL B 126 21.15 7.93 2.03
CA VAL B 126 22.46 7.31 1.81
C VAL B 126 23.49 7.88 2.79
N LEU B 127 23.53 9.21 2.93
CA LEU B 127 24.50 9.87 3.86
C LEU B 127 24.39 9.46 5.34
N LYS B 128 23.36 8.68 5.70
CA LYS B 128 23.17 8.23 7.08
C LYS B 128 24.06 7.02 7.42
N HIS B 129 24.68 6.47 6.39
CA HIS B 129 25.51 5.28 6.52
C HIS B 129 26.95 5.74 6.60
N GLU B 130 27.56 5.52 7.76
CA GLU B 130 28.88 6.09 8.07
C GLU B 130 29.97 5.46 7.18
N SER B 131 29.82 4.16 6.89
CA SER B 131 30.70 3.40 5.98
C SER B 131 30.97 4.03 4.59
N VAL B 132 29.99 4.76 4.06
CA VAL B 132 30.12 5.50 2.80
C VAL B 132 31.37 6.38 2.82
N GLU B 133 32.25 6.20 1.84
CA GLU B 133 33.36 7.15 1.65
C GLU B 133 33.03 8.22 0.61
N LYS B 134 32.39 7.81 -0.47
CA LYS B 134 32.09 8.74 -1.57
C LYS B 134 30.79 8.30 -2.23
N VAL B 135 29.95 9.27 -2.58
CA VAL B 135 28.68 8.97 -3.24
C VAL B 135 28.47 9.88 -4.44
N THR B 136 28.30 9.23 -5.59
CA THR B 136 28.21 9.89 -6.87
C THR B 136 26.75 9.82 -7.28
N MET B 137 26.25 10.93 -7.85
CA MET B 137 24.87 11.09 -8.28
C MET B 137 24.82 11.63 -9.69
N CYS B 138 24.09 10.94 -10.59
CA CYS B 138 23.85 11.43 -11.97
C CYS B 138 22.46 12.03 -12.15
N GLU B 139 22.41 13.35 -12.25
CA GLU B 139 21.19 14.09 -12.47
C GLU B 139 21.42 14.99 -13.67
N ILE B 140 20.66 14.80 -14.74
CA ILE B 140 20.81 15.63 -15.95
C ILE B 140 20.27 17.06 -15.76
N ASP B 141 19.12 17.17 -15.09
CA ASP B 141 18.38 18.43 -14.99
C ASP B 141 18.69 19.25 -13.75
N GLU B 142 19.66 20.15 -13.89
CA GLU B 142 20.12 20.96 -12.77
C GLU B 142 19.01 21.84 -12.15
N MET B 143 17.97 22.11 -12.93
CA MET B 143 16.83 22.91 -12.45
C MET B 143 16.04 22.18 -11.35
N VAL B 144 15.92 20.86 -11.46
CA VAL B 144 15.29 20.03 -10.43
C VAL B 144 16.04 20.14 -9.09
N ILE B 145 17.38 20.16 -9.15
CA ILE B 145 18.17 20.26 -7.92
C ILE B 145 17.95 21.60 -7.22
N ASP B 146 17.83 22.67 -8.01
CA ASP B 146 17.72 24.01 -7.46
C ASP B 146 16.38 24.26 -6.82
N VAL B 147 15.34 23.92 -7.57
CA VAL B 147 13.97 23.86 -7.09
C VAL B 147 13.91 23.14 -5.74
N ALA B 148 14.44 21.91 -5.68
CA ALA B 148 14.47 21.09 -4.48
C ALA B 148 15.21 21.75 -3.33
N LYS B 149 16.32 22.40 -3.64
CA LYS B 149 17.06 23.22 -2.67
C LYS B 149 16.20 24.37 -2.13
N LYS B 150 15.51 25.08 -3.02
CA LYS B 150 14.73 26.25 -2.61
C LYS B 150 13.40 25.91 -1.95
N PHE B 151 12.67 24.96 -2.49
CA PHE B 151 11.28 24.72 -2.05
C PHE B 151 11.04 23.48 -1.19
N LEU B 152 12.04 22.62 -1.07
CA LEU B 152 11.86 21.34 -0.39
C LEU B 152 13.02 21.05 0.53
N PRO B 153 13.12 21.77 1.65
CA PRO B 153 14.21 21.43 2.57
C PRO B 153 13.84 20.17 3.33
N GLY B 154 14.80 19.54 3.99
CA GLY B 154 14.53 18.26 4.65
C GLY B 154 14.50 17.12 3.65
N MET B 155 14.35 17.47 2.37
CA MET B 155 14.60 16.55 1.26
C MET B 155 15.96 16.78 0.63
N SER B 156 16.50 18.00 0.76
CA SER B 156 17.68 18.41 0.01
C SER B 156 18.82 18.98 0.84
N CYS B 157 18.95 18.51 2.08
CA CYS B 157 20.06 18.93 2.96
C CYS B 157 21.45 18.47 2.47
N GLY B 158 21.50 17.28 1.88
CA GLY B 158 22.76 16.62 1.52
C GLY B 158 23.51 17.11 0.29
N PHE B 159 23.00 18.13 -0.38
CA PHE B 159 23.65 18.64 -1.57
C PHE B 159 24.93 19.43 -1.29
N SER B 160 25.23 19.64 -0.01
CA SER B 160 26.43 20.37 0.39
C SER B 160 27.45 19.47 1.08
N HIS B 161 27.08 18.21 1.26
CA HIS B 161 27.95 17.24 1.90
C HIS B 161 29.26 16.99 1.11
N PRO B 162 30.40 16.99 1.80
CA PRO B 162 31.67 16.73 1.11
C PRO B 162 31.79 15.34 0.45
N LYS B 163 30.99 14.37 0.90
CA LYS B 163 30.99 13.04 0.27
C LYS B 163 30.23 12.98 -1.07
N LEU B 164 29.42 13.97 -1.37
CA LEU B 164 28.67 14.00 -2.63
C LEU B 164 29.51 14.45 -3.83
N ASP B 165 29.67 13.54 -4.80
CA ASP B 165 30.28 13.86 -6.08
C ASP B 165 29.19 13.99 -7.18
N LEU B 166 28.72 15.21 -7.46
CA LEU B 166 27.66 15.45 -8.47
C LEU B 166 28.15 15.43 -9.92
N PHE B 167 27.31 14.95 -10.82
CA PHE B 167 27.65 14.78 -12.24
C PHE B 167 26.45 15.02 -13.13
N CYS B 168 26.58 15.91 -14.10
CA CYS B 168 25.48 16.25 -14.99
C CYS B 168 25.71 15.76 -16.41
N GLY B 169 26.60 14.79 -16.58
CA GLY B 169 26.97 14.34 -17.92
C GLY B 169 26.05 13.29 -18.48
N ASP B 170 26.40 12.78 -19.66
CA ASP B 170 25.75 11.62 -20.27
C ASP B 170 26.08 10.43 -19.36
N GLY B 171 25.02 9.87 -18.74
CA GLY B 171 25.16 8.88 -17.67
C GLY B 171 25.48 7.49 -18.18
N PHE B 172 25.23 7.26 -19.46
CA PHE B 172 25.49 5.95 -20.06
C PHE B 172 26.98 5.80 -20.30
N GLU B 173 27.59 6.83 -20.86
CA GLU B 173 29.05 6.85 -21.06
C GLU B 173 29.78 6.70 -19.72
N PHE B 174 29.32 7.46 -18.72
CA PHE B 174 29.79 7.34 -17.34
C PHE B 174 29.88 5.88 -16.88
N LEU B 175 28.78 5.14 -17.01
CA LEU B 175 28.68 3.76 -16.57
C LEU B 175 29.56 2.79 -17.38
N LYS B 176 29.79 3.14 -18.64
CA LYS B 176 30.71 2.40 -19.51
C LYS B 176 32.15 2.48 -19.01
N ASN B 177 32.53 3.66 -18.48
CA ASN B 177 33.92 3.96 -18.04
C ASN B 177 34.25 3.77 -16.55
N HIS B 178 33.24 3.32 -15.78
CA HIS B 178 33.37 3.18 -14.33
C HIS B 178 33.07 1.76 -13.86
N LYS B 179 33.78 0.77 -14.40
CA LYS B 179 33.54 -0.63 -14.08
C LYS B 179 34.21 -0.96 -12.77
N ASN B 180 33.59 -1.85 -12.01
CA ASN B 180 34.08 -2.26 -10.70
C ASN B 180 34.34 -1.14 -9.69
N GLU B 181 33.59 -0.05 -9.78
CA GLU B 181 33.73 1.00 -8.79
C GLU B 181 32.76 0.97 -7.60
N PHE B 182 31.56 0.44 -7.80
CA PHE B 182 30.45 0.70 -6.87
C PHE B 182 29.97 -0.48 -6.06
N ASP B 183 29.88 -0.29 -4.75
CA ASP B 183 29.30 -1.31 -3.87
C ASP B 183 27.78 -1.33 -3.95
N VAL B 184 27.18 -0.15 -4.17
CA VAL B 184 25.73 0.02 -4.29
C VAL B 184 25.33 1.03 -5.39
N ILE B 185 24.49 0.57 -6.32
CA ILE B 185 23.89 1.47 -7.29
C ILE B 185 22.41 1.48 -6.99
N ILE B 186 21.85 2.69 -6.93
CA ILE B 186 20.43 2.94 -6.76
C ILE B 186 19.92 3.78 -7.94
N THR B 187 18.77 3.42 -8.50
CA THR B 187 18.21 4.24 -9.58
C THR B 187 16.74 4.68 -9.38
N ASP B 188 16.51 5.99 -9.36
CA ASP B 188 15.15 6.57 -9.51
C ASP B 188 14.77 6.58 -10.99
N SER B 189 13.84 5.72 -11.37
CA SER B 189 13.51 5.53 -12.79
C SER B 189 12.28 6.34 -13.21
N SER B 203 19.38 -3.46 -20.32
CA SER B 203 20.75 -3.84 -20.69
C SER B 203 21.76 -2.69 -20.86
N TYR B 204 21.48 -1.42 -20.53
CA TYR B 204 21.26 -0.87 -19.18
C TYR B 204 21.62 -1.70 -17.94
N TYR B 205 20.99 -2.85 -17.75
CA TYR B 205 21.27 -3.67 -16.58
C TYR B 205 22.56 -4.47 -16.68
N GLU B 206 23.12 -4.50 -17.89
CA GLU B 206 24.46 -5.07 -18.10
C GLU B 206 25.48 -4.03 -17.74
N LEU B 207 25.26 -2.81 -18.22
CA LEU B 207 26.04 -1.69 -17.75
C LEU B 207 26.10 -1.67 -16.22
N LEU B 208 24.94 -1.70 -15.56
CA LEU B 208 24.89 -1.67 -14.10
C LEU B 208 25.70 -2.83 -13.49
N ARG B 209 25.49 -4.05 -13.98
CA ARG B 209 26.23 -5.21 -13.48
C ARG B 209 27.76 -4.99 -13.52
N ASP B 210 28.26 -4.42 -14.63
CA ASP B 210 29.69 -4.22 -14.80
C ASP B 210 30.21 -3.07 -13.94
N ALA B 211 29.38 -2.05 -13.73
CA ALA B 211 29.71 -0.95 -12.83
C ALA B 211 29.87 -1.37 -11.36
N LEU B 212 29.24 -2.46 -10.97
CA LEU B 212 29.31 -2.89 -9.58
C LEU B 212 30.55 -3.67 -9.34
N LYS B 213 31.14 -3.47 -8.17
CA LYS B 213 32.16 -4.37 -7.63
C LYS B 213 31.59 -5.78 -7.50
N GLU B 214 32.34 -6.66 -6.84
CA GLU B 214 32.09 -8.10 -6.85
C GLU B 214 31.01 -8.61 -5.88
N ASP B 215 30.80 -7.91 -4.76
CA ASP B 215 29.65 -8.21 -3.89
C ASP B 215 28.60 -7.09 -3.97
N GLY B 216 28.59 -6.40 -5.12
CA GLY B 216 27.68 -5.30 -5.39
C GLY B 216 26.21 -5.65 -5.36
N ILE B 217 25.42 -4.70 -4.86
CA ILE B 217 23.98 -4.81 -4.80
C ILE B 217 23.34 -3.62 -5.55
N LEU B 218 22.26 -3.91 -6.25
CA LEU B 218 21.60 -2.95 -7.10
C LEU B 218 20.15 -2.76 -6.60
N SER B 219 19.68 -1.53 -6.60
CA SER B 219 18.32 -1.24 -6.21
C SER B 219 17.70 -0.36 -7.28
N SER B 220 16.53 -0.73 -7.77
CA SER B 220 15.85 0.06 -8.81
C SER B 220 14.39 0.20 -8.47
N GLN B 221 13.89 1.43 -8.69
CA GLN B 221 12.47 1.75 -8.62
C GLN B 221 11.70 0.76 -9.47
N GLY B 222 10.65 0.14 -8.93
CA GLY B 222 10.14 -1.10 -9.49
C GLY B 222 8.70 -1.21 -9.94
N GLU B 223 8.12 -0.06 -10.31
CA GLU B 223 6.71 0.06 -10.77
C GLU B 223 5.61 -0.41 -9.76
N SER B 224 4.38 -0.54 -10.24
CA SER B 224 3.21 -0.89 -9.44
C SER B 224 2.67 -2.28 -9.73
N VAL B 225 2.47 -3.08 -8.68
CA VAL B 225 1.91 -4.42 -8.87
C VAL B 225 0.45 -4.33 -9.27
N TRP B 226 -0.19 -3.24 -8.93
CA TRP B 226 -1.55 -3.00 -9.35
C TRP B 226 -1.69 -2.68 -10.84
N LEU B 227 -0.63 -2.19 -11.47
CA LEU B 227 -0.76 -1.65 -12.86
C LEU B 227 0.14 -2.23 -13.94
N HIS B 228 1.34 -2.67 -13.56
CA HIS B 228 2.39 -3.04 -14.50
C HIS B 228 2.96 -4.44 -14.21
N LEU B 229 2.09 -5.35 -13.81
CA LEU B 229 2.53 -6.67 -13.47
C LEU B 229 3.23 -7.38 -14.65
N PRO B 230 2.64 -7.33 -15.88
CA PRO B 230 3.40 -7.96 -17.00
C PRO B 230 4.78 -7.31 -17.26
N LEU B 231 4.85 -5.99 -17.12
CA LEU B 231 6.12 -5.27 -17.13
C LEU B 231 7.08 -5.67 -15.97
N ILE B 232 6.55 -5.95 -14.78
CA ILE B 232 7.39 -6.34 -13.63
C ILE B 232 7.89 -7.73 -13.85
N ALA B 233 6.99 -8.61 -14.28
CA ALA B 233 7.36 -9.98 -14.67
C ALA B 233 8.49 -10.01 -15.71
N HIS B 234 8.43 -9.09 -16.67
CA HIS B 234 9.41 -9.06 -17.76
C HIS B 234 10.80 -8.67 -17.27
N LEU B 235 10.84 -7.58 -16.49
CA LEU B 235 12.03 -7.03 -15.85
C LEU B 235 12.71 -8.04 -14.93
N VAL B 236 11.95 -8.72 -14.09
CA VAL B 236 12.52 -9.70 -13.18
C VAL B 236 13.18 -10.84 -13.99
N ALA B 237 12.49 -11.28 -15.05
CA ALA B 237 12.93 -12.39 -15.87
C ALA B 237 14.27 -12.13 -16.55
N PHE B 238 14.43 -11.00 -17.24
CA PHE B 238 15.72 -10.71 -17.85
C PHE B 238 16.90 -10.48 -16.87
N ASN B 239 16.63 -9.94 -15.68
CA ASN B 239 17.69 -9.80 -14.67
C ASN B 239 18.14 -11.16 -14.10
N ARG B 240 17.26 -12.16 -14.15
CA ARG B 240 17.64 -13.50 -13.70
C ARG B 240 18.61 -14.13 -14.69
N LYS B 241 18.66 -13.55 -15.89
CA LYS B 241 19.68 -13.89 -16.88
C LYS B 241 21.00 -13.22 -16.50
N ILE B 242 20.91 -12.00 -15.98
CA ILE B 242 22.11 -11.21 -15.70
C ILE B 242 22.71 -11.39 -14.30
N PHE B 243 21.88 -11.46 -13.26
CA PHE B 243 22.37 -11.58 -11.88
C PHE B 243 22.01 -12.93 -11.30
N PRO B 244 22.91 -13.49 -10.46
CA PRO B 244 22.64 -14.79 -9.80
C PRO B 244 21.56 -14.75 -8.70
N ALA B 245 21.20 -13.54 -8.24
CA ALA B 245 20.06 -13.37 -7.32
C ALA B 245 19.23 -12.12 -7.63
N VAL B 246 17.95 -12.32 -7.93
CA VAL B 246 17.02 -11.24 -8.25
C VAL B 246 15.74 -11.41 -7.45
N THR B 247 15.41 -10.43 -6.61
CA THR B 247 14.16 -10.49 -5.81
C THR B 247 13.40 -9.20 -5.97
N TYR B 248 12.11 -9.25 -5.71
CA TYR B 248 11.27 -8.07 -5.82
C TYR B 248 10.47 -7.88 -4.51
N ALA B 249 10.79 -6.82 -3.79
CA ALA B 249 10.05 -6.33 -2.64
C ALA B 249 9.08 -5.18 -3.01
N GLN B 250 8.11 -4.84 -2.14
CA GLN B 250 7.24 -3.63 -2.30
C GLN B 250 6.80 -3.00 -0.97
N SER B 251 6.38 -1.73 -1.00
CA SER B 251 5.84 -1.04 0.18
C SER B 251 4.76 -0.04 -0.18
N ILE B 252 4.00 0.40 0.83
CA ILE B 252 3.01 1.43 0.64
C ILE B 252 3.71 2.77 0.42
N VAL B 253 3.11 3.63 -0.41
CA VAL B 253 3.58 4.97 -0.75
C VAL B 253 2.31 5.77 -1.19
N SER B 254 1.86 6.70 -0.37
CA SER B 254 0.53 7.31 -0.59
C SER B 254 0.34 8.03 -1.93
N THR B 255 1.32 8.82 -2.33
CA THR B 255 1.18 9.69 -3.49
C THR B 255 1.61 9.02 -4.78
N TYR B 256 1.93 7.74 -4.71
CA TYR B 256 2.27 7.01 -5.92
C TYR B 256 0.95 6.47 -6.50
N PRO B 257 0.86 6.43 -7.84
CA PRO B 257 -0.31 5.82 -8.47
C PRO B 257 -0.74 4.50 -7.83
N SER B 258 -1.99 4.50 -7.35
CA SER B 258 -2.62 3.30 -6.76
C SER B 258 -2.00 2.85 -5.44
N GLY B 259 -0.95 3.54 -5.00
CA GLY B 259 -0.52 3.49 -3.62
C GLY B 259 0.52 2.47 -3.17
N SER B 260 1.11 1.71 -4.09
CA SER B 260 2.33 0.97 -3.72
C SER B 260 3.47 1.01 -4.75
N MET B 261 4.65 1.46 -4.35
CA MET B 261 5.79 1.33 -5.22
C MET B 261 6.52 0.00 -4.94
N GLY B 262 7.03 -0.61 -6.01
CA GLY B 262 7.80 -1.82 -5.95
C GLY B 262 9.28 -1.45 -6.01
N TYR B 263 10.13 -2.42 -5.69
CA TYR B 263 11.57 -2.25 -5.70
C TYR B 263 12.26 -3.52 -6.20
N LEU B 264 13.14 -3.37 -7.20
CA LEU B 264 13.85 -4.46 -7.85
C LEU B 264 15.22 -4.41 -7.23
N ILE B 265 15.68 -5.57 -6.72
CA ILE B 265 16.94 -5.72 -6.01
C ILE B 265 17.69 -6.96 -6.49
N CYS B 266 18.88 -6.71 -7.05
CA CYS B 266 19.74 -7.70 -7.70
C CYS B 266 21.10 -7.67 -7.02
N ALA B 267 21.68 -8.85 -6.81
CA ALA B 267 22.99 -8.96 -6.18
C ALA B 267 23.97 -9.74 -7.09
N LYS B 268 25.23 -9.32 -7.13
CA LYS B 268 26.24 -10.02 -7.92
C LYS B 268 26.71 -11.36 -7.30
N ASN B 269 26.85 -11.40 -5.98
CA ASN B 269 27.22 -12.64 -5.29
C ASN B 269 25.99 -13.51 -5.04
N ALA B 270 26.05 -14.75 -5.51
CA ALA B 270 24.92 -15.68 -5.46
C ALA B 270 24.56 -16.08 -4.04
N ASN B 271 25.42 -15.75 -3.09
CA ASN B 271 25.23 -16.11 -1.69
C ASN B 271 24.62 -14.99 -0.87
N ARG B 272 24.58 -13.80 -1.46
CA ARG B 272 23.94 -12.66 -0.82
C ARG B 272 22.44 -12.94 -0.78
N ASP B 273 21.86 -12.96 0.42
CA ASP B 273 20.42 -12.95 0.60
C ASP B 273 20.10 -11.53 0.99
N VAL B 274 19.59 -10.75 0.03
CA VAL B 274 19.31 -9.33 0.22
C VAL B 274 18.09 -9.13 1.11
N THR B 275 17.38 -10.21 1.44
CA THR B 275 16.09 -10.08 2.14
C THR B 275 16.27 -10.18 3.63
N THR B 276 17.51 -10.45 4.04
CA THR B 276 17.87 -10.28 5.44
C THR B 276 19.05 -9.35 5.47
N PRO B 277 18.90 -8.20 6.14
CA PRO B 277 19.97 -7.21 6.26
C PRO B 277 21.22 -7.81 6.90
N ALA B 278 22.39 -7.25 6.55
CA ALA B 278 23.67 -7.70 7.11
C ALA B 278 23.65 -7.65 8.64
N ARG B 279 23.48 -6.44 9.21
CA ARG B 279 23.26 -6.27 10.65
C ARG B 279 21.89 -5.68 10.96
N THR B 280 21.40 -6.00 12.15
CA THR B 280 20.01 -5.73 12.53
C THR B 280 19.85 -4.59 13.57
N LEU B 281 19.10 -3.55 13.20
CA LEU B 281 18.94 -2.29 13.97
C LEU B 281 18.09 -2.38 15.24
N THR B 282 18.60 -1.81 16.33
CA THR B 282 17.85 -1.74 17.60
C THR B 282 16.94 -0.51 17.65
N ALA B 283 16.04 -0.50 18.61
CA ALA B 283 15.10 0.59 18.82
C ALA B 283 15.75 1.98 18.84
N GLU B 284 16.95 2.05 19.43
CA GLU B 284 17.70 3.31 19.56
C GLU B 284 18.51 3.68 18.31
N GLN B 285 19.01 2.66 17.61
CA GLN B 285 19.72 2.91 16.36
C GLN B 285 18.79 3.52 15.34
N ILE B 286 17.53 3.10 15.40
CA ILE B 286 16.50 3.57 14.51
C ILE B 286 16.24 5.05 14.75
N LYS B 287 16.00 5.41 16.01
CA LYS B 287 15.71 6.80 16.39
C LYS B 287 16.90 7.73 16.18
N ALA B 288 18.10 7.21 16.45
CA ALA B 288 19.34 7.89 16.09
C ALA B 288 19.35 8.26 14.61
N LEU B 289 18.86 7.35 13.76
CA LEU B 289 18.96 7.54 12.32
C LEU B 289 17.80 8.36 11.72
N ASN B 290 16.84 8.75 12.57
CA ASN B 290 15.59 9.40 12.16
C ASN B 290 14.88 8.69 11.02
N LEU B 291 14.68 7.38 11.21
CA LEU B 291 13.91 6.54 10.32
C LEU B 291 12.42 6.54 10.68
N ARG B 292 11.58 6.89 9.71
CA ARG B 292 10.16 7.05 9.97
C ARG B 292 9.38 5.89 9.34
N PHE B 293 9.94 5.29 8.31
CA PHE B 293 9.30 4.14 7.66
C PHE B 293 10.05 2.82 7.82
N TYR B 294 11.37 2.84 7.61
CA TYR B 294 12.18 1.61 7.44
C TYR B 294 12.71 1.02 8.74
N ASN B 295 12.83 -0.30 8.81
CA ASN B 295 13.57 -1.01 9.90
C ASN B 295 13.79 -2.47 9.53
N SER B 296 14.59 -3.17 10.32
CA SER B 296 14.98 -4.54 9.97
C SER B 296 13.77 -5.43 9.75
N GLU B 297 12.78 -5.36 10.64
CA GLU B 297 11.59 -6.18 10.47
C GLU B 297 10.87 -5.84 9.18
N VAL B 298 10.59 -4.54 8.99
CA VAL B 298 10.00 -4.03 7.76
C VAL B 298 10.81 -4.48 6.55
N HIS B 299 12.13 -4.32 6.63
CA HIS B 299 13.07 -4.75 5.57
C HIS B 299 12.62 -6.07 4.99
N LYS B 300 12.71 -7.09 5.85
CA LYS B 300 12.31 -8.47 5.58
C LYS B 300 10.89 -8.67 5.03
N ALA B 301 9.89 -8.06 5.68
CA ALA B 301 8.50 -8.22 5.24
C ALA B 301 8.16 -7.64 3.86
N ALA B 302 8.95 -6.68 3.40
CA ALA B 302 8.67 -6.02 2.13
C ALA B 302 8.82 -7.01 0.96
N PHE B 303 9.40 -8.18 1.26
CA PHE B 303 9.63 -9.18 0.24
C PHE B 303 8.59 -10.26 0.28
N VAL B 304 7.71 -10.19 1.27
CA VAL B 304 6.65 -11.18 1.39
C VAL B 304 5.59 -10.65 0.47
N LEU B 305 5.48 -11.24 -0.70
CA LEU B 305 4.56 -10.77 -1.71
C LEU B 305 3.16 -11.42 -1.58
N PRO B 306 2.11 -10.65 -1.91
CA PRO B 306 0.74 -11.05 -2.08
C PRO B 306 0.63 -12.17 -3.09
N GLN B 307 -0.39 -13.01 -2.97
CA GLN B 307 -0.46 -14.16 -3.85
C GLN B 307 -0.33 -13.81 -5.32
N PHE B 308 -1.14 -12.85 -5.81
CA PHE B 308 -1.20 -12.61 -7.26
C PHE B 308 0.17 -12.17 -7.75
N VAL B 309 0.88 -11.39 -6.95
CA VAL B 309 2.26 -11.01 -7.30
C VAL B 309 3.22 -12.20 -7.27
N LYS B 310 3.03 -13.09 -6.32
CA LYS B 310 3.92 -14.24 -6.22
C LYS B 310 3.72 -15.19 -7.42
N ASN B 311 2.49 -15.28 -7.92
CA ASN B 311 2.17 -16.16 -9.05
C ASN B 311 2.93 -15.72 -10.28
N ALA B 312 2.75 -14.44 -10.65
CA ALA B 312 3.33 -13.83 -11.85
C ALA B 312 4.86 -13.78 -11.87
N LEU B 313 5.51 -14.13 -10.77
CA LEU B 313 6.99 -14.13 -10.73
C LEU B 313 7.53 -15.53 -10.50
N GLU B 314 7.27 -16.41 -11.45
CA GLU B 314 7.71 -17.80 -11.32
C GLU B 314 8.19 -18.38 -12.64
#